data_5XH2
#
_entry.id   5XH2
#
_cell.length_a   50.784
_cell.length_b   51.532
_cell.length_c   84.373
_cell.angle_alpha   90.000
_cell.angle_beta   90.000
_cell.angle_gamma   90.000
#
_symmetry.space_group_name_H-M   'P 21 21 21'
#
loop_
_entity.id
_entity.type
_entity.pdbx_description
1 polymer 'Poly(ethylene terephthalate) hydrolase'
2 non-polymer 'SULFATE ION'
3 non-polymer P-NITROPHENOL
4 water water
#
_entity_poly.entity_id   1
_entity_poly.type   'polypeptide(L)'
_entity_poly.pdbx_seq_one_letter_code
;MNPYARGPNPTAASLEASAGPFTVRSFTVSRPSGYGAGTVYYPTNAGGTVGAIAIVPGYTARQSSIKWWGPRLASHGFVV
ITIDTNSTLDQPSSRSSQQMAALGQVASLNGTSSSPIYGKVDTARMGVMGWAMGGGGSLISAANNPSLKAAAPQAPWDSS
TNFSSVTVPTLIFACENDSIAPVNSSALPIYDSMSRNAKQFLEINGGSHSCANSGNSNQALIGKKGVAWMKRFMDNDTRY
STFACENPNSTRVSDFRTANCS
;
_entity_poly.pdbx_strand_id   A
#
# COMPACT_ATOMS: atom_id res chain seq x y z
N MET A 1 -11.16 -21.69 9.06
CA MET A 1 -9.85 -22.16 9.59
C MET A 1 -8.68 -21.40 8.98
N ASN A 2 -8.94 -20.21 8.42
CA ASN A 2 -7.87 -19.32 7.97
C ASN A 2 -7.18 -18.74 9.17
N PRO A 3 -5.92 -19.12 9.39
CA PRO A 3 -5.24 -18.65 10.59
C PRO A 3 -4.94 -17.17 10.58
N TYR A 4 -5.09 -16.52 9.42
CA TYR A 4 -4.72 -15.12 9.27
C TYR A 4 -5.91 -14.18 9.32
N ALA A 5 -7.13 -14.71 9.37
CA ALA A 5 -8.30 -13.84 9.42
C ALA A 5 -8.38 -13.11 10.75
N ARG A 6 -8.55 -11.79 10.66
CA ARG A 6 -8.68 -10.94 11.84
C ARG A 6 -9.88 -10.05 11.70
N GLY A 7 -10.51 -9.72 12.84
CA GLY A 7 -11.54 -8.71 12.88
C GLY A 7 -12.91 -9.20 12.45
N PRO A 8 -13.92 -8.35 12.67
CA PRO A 8 -15.28 -8.68 12.32
C PRO A 8 -15.51 -8.74 10.84
N ASN A 9 -16.59 -9.40 10.44
CA ASN A 9 -16.92 -9.44 9.03
C ASN A 9 -17.06 -8.04 8.48
N PRO A 10 -16.46 -7.77 7.30
CA PRO A 10 -16.48 -6.42 6.74
C PRO A 10 -17.81 -6.07 6.14
N THR A 11 -18.13 -4.78 6.11
CA THR A 11 -19.23 -4.24 5.33
C THR A 11 -18.70 -3.05 4.55
N ALA A 12 -19.45 -2.60 3.56
CA ALA A 12 -19.06 -1.41 2.84
C ALA A 12 -18.87 -0.26 3.84
N ALA A 13 -19.81 -0.10 4.76
CA ALA A 13 -19.75 0.99 5.71
C ALA A 13 -18.48 0.86 6.56
N SER A 14 -18.18 -0.34 7.03
CA SER A 14 -17.06 -0.47 7.96
C SER A 14 -15.73 -0.25 7.25
N LEU A 15 -15.67 -0.52 5.95
CA LEU A 15 -14.46 -0.28 5.17
C LEU A 15 -14.36 1.16 4.66
N GLU A 16 -15.47 1.87 4.55
CA GLU A 16 -15.48 3.26 4.13
C GLU A 16 -15.21 4.24 5.27
N ALA A 17 -15.46 3.78 6.49
CA ALA A 17 -15.23 4.57 7.71
C ALA A 17 -13.80 5.00 7.79
N SER A 18 -13.55 6.08 8.53
CA SER A 18 -12.19 6.55 8.76
CA SER A 18 -12.18 6.53 8.71
C SER A 18 -11.32 5.56 9.52
N ALA A 19 -11.94 4.80 10.42
CA ALA A 19 -11.16 3.86 11.22
C ALA A 19 -11.82 2.50 11.20
N GLY A 20 -10.96 1.47 11.19
CA GLY A 20 -11.37 0.11 11.34
C GLY A 20 -11.59 -0.28 12.79
N PRO A 21 -11.67 -1.58 13.06
CA PRO A 21 -12.06 -2.06 14.38
C PRO A 21 -11.00 -1.92 15.47
N PHE A 22 -9.74 -1.90 15.10
CA PHE A 22 -8.67 -1.98 16.09
C PHE A 22 -8.14 -0.61 16.46
N THR A 23 -7.69 -0.52 17.70
CA THR A 23 -7.04 0.68 18.23
C THR A 23 -5.61 0.74 17.73
N VAL A 24 -5.18 1.94 17.36
CA VAL A 24 -3.87 2.14 16.74
C VAL A 24 -2.98 2.97 17.66
N ARG A 25 -1.72 2.58 17.76
CA ARG A 25 -0.68 3.40 18.35
C ARG A 25 0.47 3.50 17.33
N SER A 26 1.39 4.41 17.61
CA SER A 26 2.52 4.60 16.72
C SER A 26 3.76 5.00 17.46
N PHE A 27 4.91 4.82 16.82
CA PHE A 27 6.19 5.27 17.37
C PHE A 27 7.13 5.58 16.23
N THR A 28 8.17 6.37 16.55
CA THR A 28 9.22 6.78 15.62
C THR A 28 10.34 5.75 15.70
N VAL A 29 10.92 5.36 14.57
CA VAL A 29 12.07 4.47 14.58
C VAL A 29 13.33 5.22 15.04
N SER A 30 14.02 4.71 16.04
CA SER A 30 15.20 5.41 16.57
C SER A 30 16.36 5.44 15.59
N ARG A 31 16.72 4.26 15.09
CA ARG A 31 17.85 4.14 14.18
C ARG A 31 17.42 3.38 12.94
N PRO A 32 16.87 4.09 11.97
CA PRO A 32 16.49 3.43 10.72
C PRO A 32 17.63 2.63 10.11
N SER A 33 17.30 1.43 9.68
CA SER A 33 18.23 0.52 9.01
C SER A 33 18.05 0.62 7.52
N GLY A 34 18.87 1.45 6.86
CA GLY A 34 18.86 1.52 5.41
C GLY A 34 17.87 2.48 4.79
N TYR A 35 17.34 3.41 5.57
CA TYR A 35 16.43 4.43 5.05
C TYR A 35 16.51 5.64 5.99
N GLY A 36 15.75 6.70 5.67
CA GLY A 36 15.96 7.98 6.32
C GLY A 36 15.31 8.10 7.69
N ALA A 37 14.03 7.81 7.76
CA ALA A 37 13.25 7.94 8.99
C ALA A 37 12.02 7.07 8.84
N GLY A 38 11.40 6.70 9.95
CA GLY A 38 10.16 5.94 9.85
C GLY A 38 9.26 6.12 11.03
N THR A 39 7.97 5.93 10.75
CA THR A 39 6.93 5.85 11.76
C THR A 39 6.24 4.50 11.60
N VAL A 40 6.10 3.78 12.70
CA VAL A 40 5.42 2.51 12.72
C VAL A 40 4.06 2.67 13.40
N TYR A 41 3.01 2.23 12.70
CA TYR A 41 1.63 2.20 13.19
C TYR A 41 1.26 0.75 13.42
N TYR A 42 0.56 0.47 14.52
CA TYR A 42 0.23 -0.90 14.83
C TYR A 42 -1.07 -0.98 15.60
N PRO A 43 -1.76 -2.13 15.49
CA PRO A 43 -2.97 -2.34 16.26
C PRO A 43 -2.61 -2.86 17.65
N THR A 44 -3.31 -2.39 18.67
CA THR A 44 -3.05 -2.81 20.02
C THR A 44 -3.87 -4.05 20.39
N ASN A 45 -4.85 -4.39 19.56
CA ASN A 45 -5.86 -5.38 19.95
C ASN A 45 -6.32 -6.23 18.76
N ALA A 46 -5.40 -6.58 17.85
CA ALA A 46 -5.77 -7.40 16.67
C ALA A 46 -6.07 -8.84 16.93
N GLY A 47 -5.62 -9.36 18.06
CA GLY A 47 -5.95 -10.76 18.43
C GLY A 47 -5.19 -11.89 17.78
N GLY A 48 -4.19 -11.55 17.01
CA GLY A 48 -3.25 -12.50 16.43
C GLY A 48 -2.18 -11.68 15.74
N THR A 49 -1.13 -12.33 15.29
CA THR A 49 -0.10 -11.63 14.54
C THR A 49 -0.65 -11.18 13.19
N VAL A 50 -0.10 -10.06 12.72
CA VAL A 50 -0.58 -9.43 11.48
C VAL A 50 0.58 -9.22 10.53
N GLY A 51 0.25 -9.06 9.27
CA GLY A 51 1.23 -8.70 8.27
C GLY A 51 1.72 -7.26 8.35
N ALA A 52 2.80 -7.00 7.64
CA ALA A 52 3.45 -5.68 7.64
C ALA A 52 3.46 -5.08 6.26
N ILE A 53 3.27 -3.76 6.22
CA ILE A 53 3.22 -3.01 4.96
C ILE A 53 4.18 -1.82 5.08
N ALA A 54 5.02 -1.61 4.07
CA ALA A 54 5.93 -0.47 4.02
C ALA A 54 5.54 0.47 2.92
N ILE A 55 5.48 1.76 3.24
CA ILE A 55 4.92 2.78 2.34
C ILE A 55 5.93 3.89 2.14
N VAL A 56 6.19 4.24 0.87
CA VAL A 56 7.24 5.19 0.50
C VAL A 56 6.63 6.38 -0.25
N PRO A 57 7.08 7.61 0.05
CA PRO A 57 6.63 8.80 -0.67
C PRO A 57 7.20 8.89 -2.07
N GLY A 58 6.81 9.96 -2.77
CA GLY A 58 7.36 10.31 -4.06
C GLY A 58 8.53 11.27 -3.99
N TYR A 59 9.06 11.58 -5.16
CA TYR A 59 10.16 12.52 -5.32
C TYR A 59 9.84 13.84 -4.59
N THR A 60 10.79 14.31 -3.78
CA THR A 60 10.71 15.51 -2.95
C THR A 60 9.86 15.34 -1.70
N ALA A 61 9.09 14.26 -1.60
CA ALA A 61 8.05 14.20 -0.59
C ALA A 61 8.49 13.43 0.64
N ARG A 62 7.67 13.55 1.68
CA ARG A 62 7.96 13.00 2.99
C ARG A 62 6.80 12.17 3.48
N GLN A 63 6.93 11.67 4.70
CA GLN A 63 5.91 10.81 5.26
C GLN A 63 4.51 11.46 5.24
N SER A 64 4.44 12.78 5.40
CA SER A 64 3.15 13.44 5.47
CA SER A 64 3.16 13.44 5.46
C SER A 64 2.26 13.09 4.28
N SER A 65 2.85 12.97 3.08
CA SER A 65 2.08 12.71 1.87
C SER A 65 1.33 11.40 1.90
N ILE A 66 1.85 10.43 2.64
CA ILE A 66 1.32 9.07 2.66
C ILE A 66 0.87 8.62 4.05
N LYS A 67 0.95 9.51 5.05
CA LYS A 67 0.75 9.08 6.43
C LYS A 67 -0.67 8.59 6.71
N TRP A 68 -1.67 9.08 6.00
CA TRP A 68 -3.04 8.73 6.32
C TRP A 68 -3.23 7.20 6.24
N TRP A 69 -2.45 6.54 5.39
CA TRP A 69 -2.54 5.10 5.26
C TRP A 69 -2.14 4.36 6.53
N GLY A 70 -1.28 4.96 7.36
CA GLY A 70 -0.80 4.28 8.56
C GLY A 70 -1.91 3.89 9.50
N PRO A 71 -2.67 4.87 9.98
CA PRO A 71 -3.79 4.52 10.86
C PRO A 71 -4.89 3.78 10.12
N ARG A 72 -5.14 4.15 8.87
CA ARG A 72 -6.23 3.51 8.15
C ARG A 72 -6.00 2.01 8.04
N LEU A 73 -4.83 1.61 7.54
CA LEU A 73 -4.52 0.21 7.45
C LEU A 73 -4.32 -0.46 8.81
N ALA A 74 -3.59 0.20 9.72
CA ALA A 74 -3.29 -0.47 11.00
C ALA A 74 -4.58 -0.80 11.75
N SER A 75 -5.57 0.10 11.64
CA SER A 75 -6.84 -0.09 12.35
C SER A 75 -7.64 -1.28 11.84
N HIS A 76 -7.25 -1.84 10.71
CA HIS A 76 -7.85 -3.06 10.19
C HIS A 76 -7.02 -4.29 10.43
N GLY A 77 -5.82 -4.15 11.02
CA GLY A 77 -5.02 -5.30 11.38
C GLY A 77 -3.77 -5.49 10.55
N PHE A 78 -2.89 -4.47 10.56
CA PHE A 78 -1.60 -4.50 9.88
C PHE A 78 -0.63 -3.67 10.69
N VAL A 79 0.64 -4.03 10.64
CA VAL A 79 1.70 -3.14 11.08
C VAL A 79 2.19 -2.37 9.85
N VAL A 80 2.17 -1.04 9.93
CA VAL A 80 2.47 -0.21 8.76
C VAL A 80 3.64 0.69 9.10
N ILE A 81 4.66 0.68 8.25
CA ILE A 81 5.77 1.61 8.40
C ILE A 81 5.75 2.57 7.24
N THR A 82 5.68 3.87 7.57
CA THR A 82 5.81 4.93 6.60
C THR A 82 7.21 5.49 6.69
N ILE A 83 7.90 5.64 5.56
CA ILE A 83 9.29 6.07 5.61
C ILE A 83 9.53 7.41 4.94
N ASP A 84 10.57 8.09 5.43
CA ASP A 84 11.32 9.05 4.63
C ASP A 84 12.54 8.37 4.06
N THR A 85 12.84 8.70 2.81
CA THR A 85 14.02 8.17 2.15
C THR A 85 15.29 8.86 2.62
N ASN A 86 16.42 8.23 2.34
CA ASN A 86 17.71 8.80 2.72
C ASN A 86 17.88 10.20 2.14
N SER A 87 17.45 10.38 0.88
CA SER A 87 17.37 11.68 0.23
C SER A 87 15.96 11.84 -0.32
N THR A 88 15.43 13.06 -0.29
CA THR A 88 14.15 13.29 -0.95
C THR A 88 14.25 13.12 -2.46
N LEU A 89 15.48 13.08 -2.98
CA LEU A 89 15.69 12.99 -4.41
C LEU A 89 16.14 11.59 -4.87
N ASP A 90 15.95 10.59 -4.02
CA ASP A 90 16.21 9.22 -4.43
C ASP A 90 15.28 8.79 -5.55
N GLN A 91 15.79 7.93 -6.44
CA GLN A 91 15.05 7.43 -7.58
C GLN A 91 14.35 6.11 -7.21
N PRO A 92 13.51 5.57 -8.11
CA PRO A 92 12.68 4.39 -7.73
C PRO A 92 13.42 3.16 -7.28
N SER A 93 14.54 2.85 -7.94
CA SER A 93 15.36 1.62 -7.43
CA SER A 93 15.34 1.64 -7.45
C SER A 93 15.97 1.68 -5.92
N SER A 94 16.41 2.89 -5.59
CA SER A 94 16.83 3.20 -4.27
C SER A 94 15.61 3.17 -3.33
N ARG A 95 14.52 3.71 -3.71
CA ARG A 95 13.28 3.72 -2.90
C ARG A 95 12.77 2.28 -2.61
N SER A 96 12.92 1.40 -3.62
CA SER A 96 12.60 -0.01 -3.43
C SER A 96 13.54 -0.64 -2.38
N SER A 97 14.83 -0.41 -2.52
CA SER A 97 15.79 -0.97 -1.55
C SER A 97 15.46 -0.51 -0.12
N GLN A 98 15.14 0.78 0.00
CA GLN A 98 14.81 1.36 1.30
C GLN A 98 13.48 0.80 1.84
N GLN A 99 12.50 0.63 0.95
CA GLN A 99 11.23 0.01 1.35
C GLN A 99 11.44 -1.37 1.93
N MET A 100 12.27 -2.16 1.25
CA MET A 100 12.55 -3.52 1.71
C MET A 100 13.36 -3.52 3.00
N ALA A 101 14.29 -2.56 3.14
CA ALA A 101 15.02 -2.43 4.39
C ALA A 101 14.08 -2.09 5.54
N ALA A 102 13.08 -1.27 5.28
CA ALA A 102 12.09 -0.94 6.29
C ALA A 102 11.28 -2.17 6.71
N LEU A 103 10.89 -3.00 5.75
CA LEU A 103 10.27 -4.26 6.10
C LEU A 103 11.19 -5.16 6.93
N GLY A 104 12.46 -5.21 6.55
CA GLY A 104 13.42 -5.95 7.35
C GLY A 104 13.47 -5.43 8.79
N GLN A 105 13.45 -4.11 8.95
CA GLN A 105 13.50 -3.55 10.29
C GLN A 105 12.21 -3.81 11.07
N VAL A 106 11.06 -3.84 10.40
CA VAL A 106 9.85 -4.31 11.09
C VAL A 106 10.03 -5.73 11.62
N ALA A 107 10.64 -6.59 10.81
CA ALA A 107 10.97 -7.92 11.27
C ALA A 107 11.92 -7.89 12.46
N SER A 108 12.95 -7.06 12.41
CA SER A 108 13.84 -6.89 13.57
C SER A 108 13.06 -6.49 14.83
N LEU A 109 12.21 -5.48 14.71
CA LEU A 109 11.46 -4.98 15.85
C LEU A 109 10.51 -6.02 16.39
N ASN A 110 9.92 -6.83 15.51
CA ASN A 110 9.07 -7.94 15.97
C ASN A 110 9.87 -8.89 16.92
N GLY A 111 11.18 -8.96 16.73
CA GLY A 111 12.05 -9.79 17.57
C GLY A 111 12.79 -9.02 18.68
N THR A 112 12.42 -7.78 18.93
CA THR A 112 13.09 -6.90 19.93
C THR A 112 12.12 -6.68 21.06
N SER A 113 12.51 -7.18 22.23
CA SER A 113 11.59 -7.17 23.39
C SER A 113 11.15 -5.81 23.88
N SER A 114 11.97 -4.79 23.65
CA SER A 114 11.62 -3.44 24.05
C SER A 114 10.66 -2.73 23.07
N SER A 115 10.43 -3.34 21.90
CA SER A 115 9.57 -2.69 20.92
C SER A 115 8.12 -2.87 21.17
N PRO A 116 7.32 -1.83 20.88
CA PRO A 116 5.85 -1.97 20.99
C PRO A 116 5.27 -3.05 20.02
N ILE A 117 5.99 -3.44 18.98
CA ILE A 117 5.48 -4.49 18.06
C ILE A 117 6.12 -5.88 18.28
N TYR A 118 6.80 -6.03 19.43
CA TYR A 118 7.39 -7.32 19.77
C TYR A 118 6.31 -8.42 19.68
N GLY A 119 6.60 -9.42 18.85
CA GLY A 119 5.69 -10.56 18.65
C GLY A 119 4.35 -10.22 18.00
N LYS A 120 4.17 -9.02 17.42
CA LYS A 120 2.92 -8.69 16.79
C LYS A 120 2.88 -8.98 15.28
N VAL A 121 4.02 -9.29 14.67
CA VAL A 121 4.10 -9.37 13.22
C VAL A 121 4.29 -10.82 12.77
N ASP A 122 3.60 -11.18 11.69
CA ASP A 122 3.91 -12.39 10.93
C ASP A 122 4.83 -11.97 9.81
N THR A 123 6.14 -12.21 9.99
CA THR A 123 7.10 -11.72 9.04
C THR A 123 7.05 -12.42 7.68
N ALA A 124 6.25 -13.47 7.56
CA ALA A 124 6.06 -14.12 6.29
C ALA A 124 5.00 -13.46 5.42
N ARG A 125 4.34 -12.41 5.91
CA ARG A 125 3.21 -11.81 5.18
C ARG A 125 3.41 -10.29 5.11
N MET A 126 3.87 -9.84 3.95
CA MET A 126 4.28 -8.44 3.81
C MET A 126 3.70 -7.84 2.53
N GLY A 127 3.57 -6.53 2.54
CA GLY A 127 3.07 -5.79 1.39
C GLY A 127 3.77 -4.47 1.21
N VAL A 128 3.58 -3.89 0.03
CA VAL A 128 4.27 -2.66 -0.38
C VAL A 128 3.30 -1.67 -0.99
N MET A 129 3.47 -0.40 -0.61
CA MET A 129 2.68 0.70 -1.15
C MET A 129 3.58 1.92 -1.33
N GLY A 130 3.10 2.92 -2.04
CA GLY A 130 3.89 4.12 -2.20
C GLY A 130 3.41 4.98 -3.34
N TRP A 131 3.79 6.25 -3.28
CA TRP A 131 3.33 7.26 -4.23
C TRP A 131 4.38 7.59 -5.27
N ALA A 132 4.00 7.53 -6.55
CA ALA A 132 4.78 8.14 -7.63
C ALA A 132 6.09 7.39 -7.78
N MET A 133 7.26 8.00 -7.62
CA MET A 133 8.49 7.19 -7.63
C MET A 133 8.46 6.12 -6.54
N GLY A 134 7.79 6.40 -5.40
CA GLY A 134 7.62 5.37 -4.36
C GLY A 134 6.68 4.26 -4.78
N GLY A 135 5.76 4.56 -5.69
CA GLY A 135 4.94 3.55 -6.33
C GLY A 135 5.71 2.70 -7.34
N GLY A 136 6.55 3.35 -8.15
CA GLY A 136 7.49 2.61 -8.95
C GLY A 136 8.37 1.72 -8.10
N GLY A 137 8.87 2.29 -6.99
CA GLY A 137 9.67 1.48 -6.09
C GLY A 137 8.95 0.27 -5.54
N SER A 138 7.65 0.43 -5.26
CA SER A 138 6.85 -0.70 -4.78
C SER A 138 6.74 -1.81 -5.81
N LEU A 139 6.61 -1.43 -7.07
CA LEU A 139 6.54 -2.40 -8.17
C LEU A 139 7.87 -3.11 -8.38
N ILE A 140 8.97 -2.37 -8.22
CA ILE A 140 10.30 -2.97 -8.26
C ILE A 140 10.45 -3.95 -7.08
N SER A 141 9.99 -3.54 -5.90
CA SER A 141 10.05 -4.43 -4.75
C SER A 141 9.30 -5.73 -5.04
N ALA A 142 8.10 -5.60 -5.59
CA ALA A 142 7.30 -6.77 -5.92
C ALA A 142 7.97 -7.66 -6.96
N ALA A 143 8.54 -7.04 -8.00
CA ALA A 143 9.23 -7.79 -9.03
C ALA A 143 10.39 -8.59 -8.46
N ASN A 144 11.16 -7.97 -7.56
CA ASN A 144 12.36 -8.59 -7.02
C ASN A 144 12.08 -9.53 -5.87
N ASN A 145 10.90 -9.44 -5.26
CA ASN A 145 10.55 -10.22 -4.06
C ASN A 145 9.16 -10.79 -4.22
N PRO A 146 9.02 -11.84 -5.04
CA PRO A 146 7.70 -12.35 -5.37
C PRO A 146 6.98 -13.01 -4.21
N SER A 147 7.63 -13.21 -3.07
CA SER A 147 6.90 -13.69 -1.89
CA SER A 147 6.93 -13.67 -1.87
C SER A 147 6.13 -12.59 -1.18
N LEU A 148 6.34 -11.32 -1.54
CA LEU A 148 5.42 -10.28 -1.07
C LEU A 148 4.00 -10.69 -1.41
N LYS A 149 3.07 -10.41 -0.52
CA LYS A 149 1.70 -10.88 -0.69
C LYS A 149 0.80 -9.90 -1.40
N ALA A 150 1.13 -8.62 -1.44
CA ALA A 150 0.29 -7.61 -2.07
C ALA A 150 1.10 -6.36 -2.34
N ALA A 151 0.68 -5.63 -3.36
CA ALA A 151 1.20 -4.31 -3.69
C ALA A 151 0.05 -3.40 -4.02
N ALA A 152 0.09 -2.14 -3.57
CA ALA A 152 -0.96 -1.18 -3.92
C ALA A 152 -0.39 0.23 -4.08
N PRO A 153 0.46 0.42 -5.11
CA PRO A 153 1.00 1.77 -5.38
C PRO A 153 -0.04 2.75 -5.88
N GLN A 154 0.29 4.04 -5.73
CA GLN A 154 -0.59 5.11 -6.17
C GLN A 154 0.15 6.08 -7.06
N ALA A 155 -0.50 6.43 -8.16
CA ALA A 155 0.06 7.32 -9.18
C ALA A 155 1.51 6.93 -9.50
N PRO A 156 1.74 5.63 -9.76
CA PRO A 156 3.11 5.19 -9.92
C PRO A 156 3.82 5.77 -11.12
N TRP A 157 5.14 5.85 -10.99
CA TRP A 157 6.02 6.15 -12.10
C TRP A 157 7.30 5.37 -11.91
N ASP A 158 7.84 4.90 -13.03
CA ASP A 158 9.22 4.42 -13.14
C ASP A 158 9.68 4.77 -14.58
N SER A 159 10.98 4.78 -14.82
CA SER A 159 11.46 5.05 -16.19
C SER A 159 11.16 3.90 -17.14
N SER A 160 10.86 2.71 -16.59
CA SER A 160 10.31 1.61 -17.41
C SER A 160 8.88 1.37 -16.97
N THR A 161 8.02 1.03 -17.91
CA THR A 161 6.68 0.59 -17.58
C THR A 161 6.50 -0.92 -17.65
N ASN A 162 7.56 -1.69 -17.95
CA ASN A 162 7.43 -3.12 -18.11
C ASN A 162 7.59 -3.83 -16.78
N PHE A 163 6.48 -4.14 -16.15
CA PHE A 163 6.44 -4.89 -14.92
C PHE A 163 5.83 -6.26 -15.13
N SER A 164 6.14 -6.87 -16.27
CA SER A 164 5.70 -8.24 -16.55
C SER A 164 6.27 -9.26 -15.57
N SER A 165 7.34 -8.91 -14.86
CA SER A 165 7.89 -9.82 -13.81
C SER A 165 7.07 -9.86 -12.54
N VAL A 166 6.09 -8.97 -12.39
CA VAL A 166 5.37 -8.91 -11.11
C VAL A 166 4.29 -9.98 -11.07
N THR A 167 4.42 -10.88 -10.09
CA THR A 167 3.43 -11.93 -9.91
C THR A 167 2.63 -11.71 -8.63
N VAL A 168 2.95 -10.65 -7.90
CA VAL A 168 2.30 -10.28 -6.65
C VAL A 168 0.98 -9.59 -6.98
N PRO A 169 -0.12 -9.92 -6.26
CA PRO A 169 -1.39 -9.19 -6.48
C PRO A 169 -1.20 -7.69 -6.35
N THR A 170 -1.54 -6.95 -7.41
CA THR A 170 -1.22 -5.52 -7.48
C THR A 170 -2.44 -4.69 -7.86
N LEU A 171 -2.77 -3.76 -6.98
CA LEU A 171 -3.79 -2.73 -7.20
C LEU A 171 -3.07 -1.41 -7.50
N ILE A 172 -3.36 -0.84 -8.65
CA ILE A 172 -2.83 0.46 -9.00
CA ILE A 172 -2.81 0.44 -9.07
C ILE A 172 -3.87 1.52 -8.90
N PHE A 173 -3.68 2.43 -7.95
CA PHE A 173 -4.44 3.66 -7.92
C PHE A 173 -3.86 4.64 -8.89
N ALA A 174 -4.72 5.28 -9.69
CA ALA A 174 -4.27 6.27 -10.65
C ALA A 174 -5.13 7.50 -10.50
N CYS A 175 -4.65 8.60 -11.07
CA CYS A 175 -5.30 9.91 -10.89
C CYS A 175 -5.55 10.50 -12.26
N GLU A 176 -6.82 10.68 -12.64
CA GLU A 176 -7.18 10.92 -14.04
C GLU A 176 -6.35 12.02 -14.67
N ASN A 177 -6.25 13.14 -13.97
CA ASN A 177 -5.66 14.33 -14.55
C ASN A 177 -4.22 14.54 -14.09
N ASP A 178 -3.54 13.45 -13.79
CA ASP A 178 -2.15 13.51 -13.32
C ASP A 178 -1.28 14.17 -14.39
N SER A 179 -0.60 15.27 -14.04
CA SER A 179 0.27 15.97 -14.95
C SER A 179 1.74 15.62 -14.75
N ILE A 180 2.05 14.88 -13.68
CA ILE A 180 3.42 14.52 -13.36
C ILE A 180 3.76 13.17 -13.99
N ALA A 181 2.89 12.19 -13.71
CA ALA A 181 3.00 10.82 -14.23
C ALA A 181 1.71 10.49 -14.95
N PRO A 182 1.53 11.02 -16.16
CA PRO A 182 0.24 10.86 -16.82
C PRO A 182 -0.16 9.41 -16.93
N VAL A 183 -1.44 9.14 -16.73
CA VAL A 183 -1.93 7.78 -16.68
C VAL A 183 -1.58 7.02 -17.97
N ASN A 184 -1.73 7.69 -19.11
CA ASN A 184 -1.58 6.99 -20.37
C ASN A 184 -0.15 6.61 -20.69
N SER A 185 0.83 7.20 -20.00
CA SER A 185 2.23 6.85 -20.21
C SER A 185 2.89 6.20 -19.01
N SER A 186 2.17 6.12 -17.88
CA SER A 186 2.75 5.56 -16.66
CA SER A 186 2.77 5.53 -16.69
CA SER A 186 2.76 5.59 -16.66
C SER A 186 1.84 4.48 -16.08
N ALA A 187 0.84 4.88 -15.28
CA ALA A 187 0.05 3.88 -14.55
C ALA A 187 -0.61 2.83 -15.45
N LEU A 188 -1.22 3.27 -16.55
CA LEU A 188 -1.92 2.29 -17.39
C LEU A 188 -0.99 1.31 -18.13
N PRO A 189 0.09 1.80 -18.79
CA PRO A 189 1.05 0.84 -19.35
C PRO A 189 1.61 -0.11 -18.29
N ILE A 190 1.87 0.39 -17.09
CA ILE A 190 2.35 -0.48 -16.02
C ILE A 190 1.31 -1.58 -15.76
N TYR A 191 0.06 -1.19 -15.57
CA TYR A 191 -1.03 -2.14 -15.37
C TYR A 191 -1.08 -3.19 -16.48
N ASP A 192 -1.03 -2.71 -17.72
CA ASP A 192 -1.15 -3.58 -18.87
C ASP A 192 -0.02 -4.57 -19.00
N SER A 193 1.16 -4.25 -18.46
CA SER A 193 2.33 -5.13 -18.56
C SER A 193 2.24 -6.39 -17.71
N MET A 194 1.41 -6.37 -16.67
CA MET A 194 1.39 -7.45 -15.71
C MET A 194 0.39 -8.51 -16.18
N SER A 195 0.91 -9.70 -16.43
CA SER A 195 0.16 -10.78 -17.05
C SER A 195 -0.03 -12.00 -16.18
N ARG A 196 0.70 -12.11 -15.06
CA ARG A 196 0.69 -13.33 -14.24
C ARG A 196 0.11 -13.13 -12.86
N ASN A 197 -0.64 -12.06 -12.63
CA ASN A 197 -1.10 -11.75 -11.31
C ASN A 197 -2.59 -11.39 -11.28
N ALA A 198 -3.15 -11.46 -10.07
CA ALA A 198 -4.34 -10.70 -9.74
C ALA A 198 -3.96 -9.23 -9.80
N LYS A 199 -4.76 -8.43 -10.51
CA LYS A 199 -4.41 -7.03 -10.65
C LYS A 199 -5.66 -6.19 -10.77
N GLN A 200 -5.51 -4.90 -10.49
CA GLN A 200 -6.61 -3.97 -10.57
C GLN A 200 -6.06 -2.57 -10.86
N PHE A 201 -6.88 -1.77 -11.55
CA PHE A 201 -6.58 -0.41 -11.94
C PHE A 201 -7.77 0.44 -11.57
N LEU A 202 -7.56 1.46 -10.73
CA LEU A 202 -8.64 2.29 -10.24
C LEU A 202 -8.22 3.74 -10.40
N GLU A 203 -8.78 4.41 -11.40
CA GLU A 203 -8.45 5.80 -11.70
C GLU A 203 -9.51 6.72 -11.11
N ILE A 204 -9.05 7.68 -10.30
CA ILE A 204 -9.92 8.63 -9.63
C ILE A 204 -10.27 9.77 -10.60
N ASN A 205 -11.57 9.94 -10.79
CA ASN A 205 -12.13 10.99 -11.68
C ASN A 205 -11.66 12.38 -11.22
N GLY A 206 -11.03 13.11 -12.15
CA GLY A 206 -10.59 14.46 -11.87
C GLY A 206 -9.35 14.57 -10.99
N GLY A 207 -8.73 13.46 -10.64
CA GLY A 207 -7.66 13.54 -9.65
C GLY A 207 -6.38 14.16 -10.21
N SER A 208 -5.73 14.97 -9.39
CA SER A 208 -4.36 15.40 -9.67
C SER A 208 -3.40 14.30 -9.23
N HIS A 209 -2.11 14.54 -9.45
CA HIS A 209 -1.10 13.56 -9.04
C HIS A 209 -1.16 13.17 -7.56
N SER A 210 -1.70 14.06 -6.71
CA SER A 210 -1.79 13.79 -5.29
CA SER A 210 -1.81 13.83 -5.28
C SER A 210 -3.13 13.20 -4.84
N CYS A 211 -3.89 12.61 -5.78
CA CYS A 211 -5.27 12.22 -5.46
C CYS A 211 -5.47 11.09 -4.46
N ALA A 212 -4.41 10.36 -4.12
CA ALA A 212 -4.48 9.31 -3.12
C ALA A 212 -3.67 9.65 -1.87
N ASN A 213 -3.25 10.90 -1.74
CA ASN A 213 -2.38 11.32 -0.64
C ASN A 213 -3.18 11.73 0.59
N SER A 214 -2.48 11.96 1.70
CA SER A 214 -3.13 12.48 2.88
C SER A 214 -3.91 13.72 2.51
N GLY A 215 -5.12 13.85 3.06
CA GLY A 215 -5.95 14.99 2.72
C GLY A 215 -6.81 14.85 1.49
N ASN A 216 -6.79 13.69 0.81
CA ASN A 216 -7.63 13.54 -0.36
C ASN A 216 -9.11 13.46 0.05
N SER A 217 -9.99 13.74 -0.90
CA SER A 217 -11.44 13.75 -0.61
CA SER A 217 -11.44 13.76 -0.65
C SER A 217 -12.12 12.47 -1.10
N ASN A 218 -11.35 11.40 -1.28
CA ASN A 218 -11.90 10.09 -1.61
C ASN A 218 -11.43 9.02 -0.65
N GLN A 219 -11.27 9.38 0.63
CA GLN A 219 -10.73 8.42 1.57
C GLN A 219 -11.65 7.23 1.80
N ALA A 220 -12.96 7.43 1.67
CA ALA A 220 -13.87 6.32 1.84
C ALA A 220 -13.59 5.24 0.79
N LEU A 221 -13.56 5.62 -0.48
CA LEU A 221 -13.36 4.63 -1.54
C LEU A 221 -11.94 4.12 -1.58
N ILE A 222 -10.98 5.05 -1.57
CA ILE A 222 -9.58 4.66 -1.70
C ILE A 222 -9.17 3.79 -0.52
N GLY A 223 -9.56 4.21 0.69
CA GLY A 223 -9.26 3.42 1.87
C GLY A 223 -9.97 2.07 1.90
N LYS A 224 -11.23 2.02 1.48
CA LYS A 224 -11.91 0.73 1.34
C LYS A 224 -11.11 -0.20 0.43
N LYS A 225 -10.74 0.31 -0.73
CA LYS A 225 -10.06 -0.52 -1.71
C LYS A 225 -8.69 -0.97 -1.22
N GLY A 226 -7.91 -0.05 -0.62
CA GLY A 226 -6.58 -0.43 -0.18
C GLY A 226 -6.65 -1.47 0.92
N VAL A 227 -7.51 -1.24 1.90
CA VAL A 227 -7.70 -2.21 2.96
C VAL A 227 -8.20 -3.54 2.42
N ALA A 228 -9.21 -3.51 1.55
CA ALA A 228 -9.75 -4.75 1.03
C ALA A 228 -8.70 -5.56 0.26
N TRP A 229 -7.90 -4.88 -0.55
CA TRP A 229 -6.87 -5.56 -1.33
C TRP A 229 -5.85 -6.20 -0.39
N MET A 230 -5.40 -5.44 0.60
CA MET A 230 -4.41 -5.98 1.56
C MET A 230 -5.00 -7.13 2.36
N LYS A 231 -6.24 -7.00 2.80
CA LYS A 231 -6.87 -8.09 3.55
C LYS A 231 -7.00 -9.35 2.69
N ARG A 232 -7.52 -9.19 1.48
CA ARG A 232 -7.72 -10.35 0.63
C ARG A 232 -6.40 -11.07 0.41
N PHE A 233 -5.36 -10.32 0.07
CA PHE A 233 -4.17 -10.95 -0.43
C PHE A 233 -3.10 -11.16 0.64
N MET A 234 -2.96 -10.25 1.61
CA MET A 234 -2.01 -10.52 2.70
C MET A 234 -2.50 -11.54 3.71
N ASP A 235 -3.81 -11.58 3.92
CA ASP A 235 -4.42 -12.45 4.91
C ASP A 235 -5.12 -13.67 4.29
N ASN A 236 -5.11 -13.76 2.96
CA ASN A 236 -5.85 -14.80 2.23
C ASN A 236 -7.31 -14.77 2.63
N ASP A 237 -7.84 -13.60 2.93
CA ASP A 237 -9.12 -13.51 3.63
C ASP A 237 -10.23 -13.28 2.60
N THR A 238 -10.88 -14.37 2.21
CA THR A 238 -11.86 -14.34 1.16
C THR A 238 -13.16 -13.65 1.58
N ARG A 239 -13.29 -13.25 2.84
CA ARG A 239 -14.38 -12.34 3.20
C ARG A 239 -14.28 -11.06 2.42
N TYR A 240 -13.07 -10.75 1.95
CA TYR A 240 -12.80 -9.50 1.26
C TYR A 240 -12.75 -9.64 -0.25
N SER A 241 -13.07 -10.81 -0.79
CA SER A 241 -12.92 -11.00 -2.22
C SER A 241 -13.78 -10.03 -3.04
N THR A 242 -15.03 -9.84 -2.65
CA THR A 242 -15.87 -8.96 -3.45
C THR A 242 -15.38 -7.51 -3.31
N PHE A 243 -15.11 -7.07 -2.09
CA PHE A 243 -14.61 -5.70 -1.92
C PHE A 243 -13.32 -5.49 -2.71
N ALA A 244 -12.43 -6.46 -2.69
CA ALA A 244 -11.18 -6.35 -3.42
C ALA A 244 -11.36 -6.32 -4.92
N CYS A 245 -12.22 -7.21 -5.43
CA CYS A 245 -12.30 -7.45 -6.86
C CYS A 245 -13.37 -6.64 -7.60
N GLU A 246 -14.34 -6.07 -6.87
CA GLU A 246 -15.47 -5.44 -7.56
C GLU A 246 -15.13 -4.15 -8.25
N ASN A 247 -15.83 -3.89 -9.34
CA ASN A 247 -15.89 -2.55 -9.90
C ASN A 247 -16.82 -1.78 -8.95
N PRO A 248 -16.35 -0.67 -8.35
CA PRO A 248 -17.21 0.14 -7.48
C PRO A 248 -18.41 0.76 -8.20
N ASN A 249 -18.35 0.82 -9.53
CA ASN A 249 -19.41 1.44 -10.34
C ASN A 249 -19.73 2.82 -9.76
N SER A 250 -18.68 3.60 -9.64
CA SER A 250 -18.76 4.87 -8.96
C SER A 250 -18.50 5.99 -9.88
N THR A 251 -19.29 7.03 -9.65
CA THR A 251 -18.92 8.41 -10.32
CA THR A 251 -18.93 8.42 -10.30
C THR A 251 -17.51 9.12 -9.95
N ARG A 252 -16.95 8.59 -8.89
CA ARG A 252 -15.64 9.03 -8.43
C ARG A 252 -14.53 8.30 -9.22
N VAL A 253 -14.87 7.28 -10.03
CA VAL A 253 -13.90 6.43 -10.74
C VAL A 253 -14.06 6.63 -12.24
N SER A 254 -13.09 7.24 -12.87
CA SER A 254 -13.15 7.47 -14.31
C SER A 254 -12.68 6.28 -15.14
N ASP A 255 -11.97 5.32 -14.54
CA ASP A 255 -11.50 4.14 -15.29
C ASP A 255 -11.26 3.04 -14.26
N PHE A 256 -11.84 1.89 -14.51
CA PHE A 256 -11.68 0.70 -13.67
C PHE A 256 -11.33 -0.48 -14.55
N ARG A 257 -10.32 -1.26 -14.14
CA ARG A 257 -9.97 -2.52 -14.81
C ARG A 257 -9.58 -3.53 -13.76
N THR A 258 -9.85 -4.81 -13.99
CA THR A 258 -9.32 -5.83 -13.09
C THR A 258 -9.18 -7.14 -13.86
N ALA A 259 -8.27 -7.99 -13.40
CA ALA A 259 -8.03 -9.28 -14.03
C ALA A 259 -7.58 -10.27 -12.99
N ASN A 260 -7.98 -11.53 -13.19
CA ASN A 260 -7.55 -12.64 -12.36
C ASN A 260 -7.89 -12.40 -10.89
N CYS A 261 -9.03 -11.76 -10.65
CA CYS A 261 -9.49 -11.36 -9.32
C CYS A 261 -11.00 -11.72 -9.25
#